data_9LDP
#
_entry.id   9LDP
#
_cell.length_a   41.787
_cell.length_b   41.202
_cell.length_c   71.952
_cell.angle_alpha   90.000
_cell.angle_beta   104.082
_cell.angle_gamma   90.000
#
_symmetry.space_group_name_H-M   'P 1 21 1'
#
loop_
_entity.id
_entity.type
_entity.pdbx_description
1 polymer 'Carbonic anhydrase 2'
2 non-polymer 'ZINC ION'
3 non-polymer 'CARBON DIOXIDE'
4 water water
#
_entity_poly.entity_id   1
_entity_poly.type   'polypeptide(L)'
_entity_poly.pdbx_seq_one_letter_code
;MSHHWGYGKHNGPEHWHKDFPIAKGERQSPVDIDTHTAKYDPSLKPLSVSYDQATSLRILNNGHAFNVEFDDSQDKAVLK
GGPLDGTYRLIQFHFHWGSLDGQGSEHTVDKKKYAAELHLVHWNTKYGDFGKAVQQPDGLAVLGIFLKVGSAKPGLQKVV
DVLDSIKTKGKSADFTNFDPRGLLPESLDYWTYPGSLTTPPLLECVTWIVLKEPISVSSEQVLKFRKLNFNGEGEPEELM
VDNWRPAQPLKNRQIKASFK
;
_entity_poly.pdbx_strand_id   A
#
loop_
_chem_comp.id
_chem_comp.type
_chem_comp.name
_chem_comp.formula
CO2 non-polymer 'CARBON DIOXIDE' 'C O2'
ZN non-polymer 'ZINC ION' 'Zn 2'
#
# COMPACT_ATOMS: atom_id res chain seq x y z
N HIS A 4 18.64 4.26 -8.62
CA HIS A 4 17.99 5.55 -9.03
C HIS A 4 16.65 5.31 -9.73
N TRP A 5 15.90 4.38 -9.23
CA TRP A 5 14.58 4.13 -9.78
C TRP A 5 13.62 5.21 -9.33
N GLY A 6 12.54 5.36 -10.08
CA GLY A 6 11.52 6.30 -9.67
C GLY A 6 10.28 6.08 -10.51
N TYR A 7 9.56 7.16 -10.77
CA TYR A 7 8.31 7.09 -11.51
C TYR A 7 8.32 7.90 -12.81
N GLY A 8 9.48 8.49 -13.17
CA GLY A 8 9.59 9.36 -14.37
C GLY A 8 9.71 8.61 -15.69
N LYS A 9 9.85 9.45 -16.70
CA LYS A 9 10.13 9.08 -18.08
C LYS A 9 11.31 8.12 -18.18
N HIS A 10 12.37 8.47 -17.44
CA HIS A 10 13.62 7.77 -17.67
C HIS A 10 13.94 6.72 -16.65
N ASN A 11 13.18 6.67 -15.54
CA ASN A 11 13.48 5.73 -14.47
C ASN A 11 12.25 5.04 -13.87
N GLY A 12 11.12 5.10 -14.57
CA GLY A 12 9.86 4.63 -14.04
C GLY A 12 9.73 3.12 -14.21
N PRO A 13 8.53 2.62 -13.91
CA PRO A 13 8.26 1.19 -13.88
C PRO A 13 8.75 0.38 -15.06
N GLU A 14 8.68 0.95 -16.26
N GLU A 14 8.67 0.88 -16.31
CA GLU A 14 9.05 0.25 -17.48
CA GLU A 14 9.10 0.08 -17.46
C GLU A 14 10.56 0.00 -17.55
C GLU A 14 10.60 -0.11 -17.49
N HIS A 15 11.34 0.66 -16.68
CA HIS A 15 12.79 0.50 -16.61
C HIS A 15 13.27 -0.38 -15.46
N TRP A 16 12.40 -0.68 -14.50
CA TRP A 16 12.86 -1.31 -13.28
C TRP A 16 13.51 -2.68 -13.49
N HIS A 17 13.07 -3.39 -14.54
CA HIS A 17 13.63 -4.70 -14.79
C HIS A 17 15.15 -4.72 -14.99
N LYS A 18 15.72 -3.60 -15.44
CA LYS A 18 17.16 -3.60 -15.68
C LYS A 18 17.96 -3.80 -14.39
N ASP A 19 17.55 -3.14 -13.31
CA ASP A 19 18.24 -3.33 -12.03
C ASP A 19 17.62 -4.47 -11.22
N PHE A 20 16.36 -4.80 -11.50
CA PHE A 20 15.62 -5.75 -10.70
C PHE A 20 14.91 -6.70 -11.66
N PRO A 21 15.62 -7.69 -12.23
CA PRO A 21 15.03 -8.55 -13.26
C PRO A 21 13.76 -9.29 -12.87
N ILE A 22 13.52 -9.50 -11.57
N ILE A 22 13.55 -9.48 -11.57
CA ILE A 22 12.27 -10.15 -11.16
CA ILE A 22 12.33 -10.09 -11.05
C ILE A 22 11.07 -9.27 -11.51
C ILE A 22 11.11 -9.27 -11.46
N ALA A 23 11.29 -8.02 -11.93
CA ALA A 23 10.19 -7.20 -12.43
C ALA A 23 9.41 -7.90 -13.53
N LYS A 24 10.04 -8.86 -14.25
CA LYS A 24 9.34 -9.61 -15.29
C LYS A 24 9.06 -11.03 -14.83
N GLY A 25 8.98 -11.24 -13.51
CA GLY A 25 8.76 -12.55 -12.91
C GLY A 25 7.32 -13.06 -13.04
N GLU A 26 7.11 -14.18 -12.39
CA GLU A 26 5.86 -14.93 -12.48
C GLU A 26 4.81 -14.48 -11.48
N ARG A 27 5.19 -13.69 -10.46
CA ARG A 27 4.26 -13.34 -9.40
C ARG A 27 4.37 -11.84 -9.06
N GLN A 28 4.31 -11.00 -10.08
CA GLN A 28 4.46 -9.56 -9.91
C GLN A 28 3.12 -8.92 -9.55
N SER A 29 3.23 -7.81 -8.82
CA SER A 29 2.10 -6.99 -8.40
C SER A 29 2.34 -5.55 -8.81
N PRO A 30 1.28 -4.73 -8.96
CA PRO A 30 -0.12 -5.10 -8.81
C PRO A 30 -0.63 -5.86 -10.02
N VAL A 31 -1.93 -6.20 -9.98
CA VAL A 31 -2.67 -6.85 -11.05
C VAL A 31 -4.04 -6.19 -11.17
N ASP A 32 -4.66 -6.40 -12.33
CA ASP A 32 -6.06 -6.11 -12.47
C ASP A 32 -6.88 -7.23 -11.84
N ILE A 33 -7.87 -6.86 -11.03
CA ILE A 33 -8.79 -7.78 -10.39
C ILE A 33 -10.03 -7.82 -11.25
N ASP A 34 -10.20 -8.94 -11.95
CA ASP A 34 -11.37 -9.13 -12.79
C ASP A 34 -12.44 -9.76 -11.92
N THR A 35 -13.46 -8.97 -11.56
CA THR A 35 -14.50 -9.41 -10.64
C THR A 35 -15.39 -10.47 -11.27
N HIS A 36 -15.29 -10.66 -12.57
CA HIS A 36 -16.04 -11.66 -13.31
C HIS A 36 -15.32 -12.98 -13.49
N THR A 37 -14.08 -13.07 -13.04
CA THR A 37 -13.34 -14.32 -13.03
C THR A 37 -12.76 -14.67 -11.67
N ALA A 38 -12.71 -13.76 -10.71
CA ALA A 38 -12.29 -14.11 -9.37
C ALA A 38 -13.39 -14.99 -8.83
N LYS A 39 -13.05 -16.12 -8.28
CA LYS A 39 -14.02 -17.03 -7.72
C LYS A 39 -14.10 -16.88 -6.21
N TYR A 40 -15.32 -16.94 -5.69
CA TYR A 40 -15.55 -17.07 -4.26
C TYR A 40 -14.92 -18.36 -3.76
N ASP A 41 -14.13 -18.22 -2.71
CA ASP A 41 -13.47 -19.36 -2.06
C ASP A 41 -14.07 -19.54 -0.68
N PRO A 42 -14.95 -20.54 -0.44
CA PRO A 42 -15.52 -20.72 0.89
C PRO A 42 -14.53 -21.14 1.96
N SER A 43 -13.33 -21.57 1.56
CA SER A 43 -12.31 -21.95 2.52
C SER A 43 -11.60 -20.71 3.10
N LEU A 44 -11.76 -19.53 2.50
CA LEU A 44 -11.16 -18.31 3.02
C LEU A 44 -11.88 -17.90 4.29
N LYS A 45 -11.09 -17.36 5.23
CA LYS A 45 -11.62 -16.96 6.51
C LYS A 45 -11.81 -15.46 6.57
N PRO A 46 -12.66 -14.98 7.51
CA PRO A 46 -12.69 -13.54 7.76
C PRO A 46 -11.29 -13.02 8.11
N LEU A 47 -10.97 -11.83 7.64
CA LEU A 47 -9.73 -11.13 8.01
CA LEU A 47 -9.70 -11.21 8.02
C LEU A 47 -9.79 -10.74 9.47
N SER A 48 -8.76 -11.03 10.29
CA SER A 48 -8.63 -10.50 11.66
C SER A 48 -7.57 -9.40 11.65
N VAL A 49 -8.04 -8.20 11.94
CA VAL A 49 -7.20 -7.04 12.07
C VAL A 49 -7.20 -6.62 13.53
N SER A 50 -6.07 -6.72 14.22
CA SER A 50 -5.96 -6.36 15.63
CA SER A 50 -5.99 -6.35 15.63
C SER A 50 -4.99 -5.20 15.77
N TYR A 51 -5.50 -3.97 15.71
CA TYR A 51 -4.66 -2.78 15.73
C TYR A 51 -4.83 -1.94 16.98
N ASP A 52 -5.53 -2.46 17.98
CA ASP A 52 -5.77 -1.76 19.23
C ASP A 52 -4.50 -1.30 19.96
N GLN A 53 -3.39 -2.04 19.84
CA GLN A 53 -2.13 -1.62 20.47
C GLN A 53 -1.09 -1.12 19.47
N ALA A 54 -1.48 -0.75 18.27
CA ALA A 54 -0.52 -0.28 17.28
C ALA A 54 0.14 1.01 17.79
N THR A 55 1.47 1.09 17.67
CA THR A 55 2.23 2.24 18.12
C THR A 55 3.06 2.80 16.96
N SER A 56 2.57 3.88 16.36
CA SER A 56 3.35 4.55 15.33
C SER A 56 4.50 5.30 15.97
N LEU A 57 5.61 5.42 15.24
CA LEU A 57 6.80 6.12 15.70
C LEU A 57 6.99 7.42 14.95
N ARG A 58 6.88 7.30 13.64
CA ARG A 58 7.42 8.34 12.84
C ARG A 58 6.95 8.23 11.40
N ILE A 59 7.08 9.35 10.68
CA ILE A 59 6.72 9.39 9.29
C ILE A 59 7.92 9.88 8.51
N LEU A 60 8.10 9.27 7.37
CA LEU A 60 9.26 9.48 6.59
C LEU A 60 9.01 9.71 5.06
N ASN A 61 9.56 10.78 4.42
CA ASN A 61 9.54 10.94 2.95
C ASN A 61 10.78 10.26 2.38
N ASN A 62 10.61 9.15 1.64
CA ASN A 62 11.75 8.38 1.14
C ASN A 62 12.07 8.69 -0.33
N GLY A 63 11.46 9.74 -0.87
CA GLY A 63 11.72 10.07 -2.26
C GLY A 63 10.83 9.34 -3.26
N HIS A 64 10.13 8.28 -2.78
N HIS A 64 9.95 8.51 -2.75
CA HIS A 64 9.09 7.57 -3.54
CA HIS A 64 9.02 7.76 -3.61
C HIS A 64 7.69 7.97 -3.09
C HIS A 64 7.59 7.70 -3.05
N ALA A 65 7.48 7.83 -1.76
CA ALA A 65 6.21 8.00 -1.08
C ALA A 65 6.57 8.47 0.33
N PHE A 66 5.64 8.40 1.25
CA PHE A 66 5.97 8.55 2.64
C PHE A 66 5.53 7.29 3.38
N ASN A 67 6.36 6.90 4.34
CA ASN A 67 6.01 5.74 5.15
C ASN A 67 5.70 6.15 6.61
N VAL A 68 4.55 5.70 7.13
CA VAL A 68 4.22 5.80 8.55
C VAL A 68 4.64 4.51 9.26
N GLU A 69 5.35 4.69 10.32
CA GLU A 69 6.07 3.56 10.84
C GLU A 69 5.58 3.17 12.20
N PHE A 70 5.83 1.89 12.41
CA PHE A 70 5.39 1.37 13.66
C PHE A 70 6.54 0.69 14.40
N ASP A 71 6.41 0.73 15.70
CA ASP A 71 7.24 -0.11 16.54
C ASP A 71 6.72 -1.52 16.40
N ASP A 72 7.51 -2.36 15.76
CA ASP A 72 7.18 -3.75 15.53
C ASP A 72 8.04 -4.66 16.43
N SER A 73 8.49 -4.18 17.61
CA SER A 73 9.33 -4.95 18.55
C SER A 73 8.52 -5.83 19.50
N GLN A 74 7.21 -5.60 19.55
CA GLN A 74 6.31 -6.37 20.38
C GLN A 74 5.18 -6.86 19.53
N ASP A 75 4.45 -7.84 20.09
CA ASP A 75 3.34 -8.36 19.27
CA ASP A 75 3.31 -8.45 19.46
C ASP A 75 2.11 -7.49 19.56
N LYS A 76 1.92 -6.50 18.67
CA LYS A 76 0.92 -5.46 18.98
C LYS A 76 -0.23 -5.15 18.02
N ALA A 77 0.12 -5.00 16.77
CA ALA A 77 -0.70 -4.65 15.61
C ALA A 77 -0.56 -5.79 14.60
N VAL A 78 -1.49 -6.73 14.61
CA VAL A 78 -1.27 -7.93 13.81
C VAL A 78 -2.47 -8.20 12.93
N LEU A 79 -2.11 -8.83 11.81
CA LEU A 79 -3.05 -9.37 10.86
C LEU A 79 -2.97 -10.86 10.89
N LYS A 80 -4.14 -11.50 10.92
CA LYS A 80 -4.21 -12.95 10.84
C LYS A 80 -5.51 -13.34 10.21
N GLY A 81 -5.73 -14.67 10.10
CA GLY A 81 -6.93 -15.14 9.43
C GLY A 81 -6.93 -14.75 7.98
N GLY A 82 -8.10 -14.55 7.43
CA GLY A 82 -8.13 -14.26 6.01
C GLY A 82 -7.58 -15.48 5.25
N PRO A 83 -6.67 -15.27 4.27
CA PRO A 83 -5.99 -16.37 3.61
C PRO A 83 -4.75 -16.86 4.35
N LEU A 84 -4.41 -16.26 5.47
CA LEU A 84 -3.10 -16.42 6.07
C LEU A 84 -3.07 -17.58 7.07
N ASP A 85 -1.89 -18.17 7.21
CA ASP A 85 -1.52 -19.09 8.28
C ASP A 85 -0.65 -18.24 9.23
N GLY A 86 -0.86 -18.32 10.54
CA GLY A 86 0.01 -17.60 11.45
C GLY A 86 -0.27 -16.10 11.45
N THR A 87 0.70 -15.36 11.99
CA THR A 87 0.51 -14.01 12.50
C THR A 87 1.50 -13.07 11.82
N TYR A 88 0.97 -11.94 11.36
CA TYR A 88 1.80 -10.99 10.63
C TYR A 88 1.72 -9.65 11.33
N ARG A 89 2.88 -9.04 11.58
CA ARG A 89 2.98 -7.84 12.38
C ARG A 89 3.14 -6.61 11.50
N LEU A 90 2.37 -5.56 11.84
CA LEU A 90 2.43 -4.30 11.10
C LEU A 90 3.77 -3.62 11.30
N ILE A 91 4.44 -3.24 10.21
CA ILE A 91 5.67 -2.47 10.26
C ILE A 91 5.48 -1.07 9.70
N GLN A 92 4.68 -0.85 8.63
CA GLN A 92 4.49 0.47 8.10
C GLN A 92 3.30 0.50 7.19
N PHE A 93 2.81 1.70 6.94
CA PHE A 93 1.90 1.89 5.84
C PHE A 93 2.36 3.07 4.99
N HIS A 94 1.90 3.08 3.75
CA HIS A 94 2.16 4.13 2.80
C HIS A 94 1.06 4.12 1.75
N PHE A 95 1.11 5.11 0.87
CA PHE A 95 0.13 5.23 -0.20
C PHE A 95 0.82 5.37 -1.54
N HIS A 96 0.01 5.16 -2.58
CA HIS A 96 0.33 5.47 -3.96
C HIS A 96 -0.83 6.34 -4.46
N TRP A 97 -0.53 7.39 -5.23
CA TRP A 97 -1.59 8.28 -5.67
C TRP A 97 -1.21 8.93 -7.01
N GLY A 98 -2.21 9.58 -7.58
CA GLY A 98 -2.12 10.13 -8.89
C GLY A 98 -1.93 11.64 -8.89
N SER A 99 -1.71 12.13 -10.11
CA SER A 99 -1.72 13.57 -10.41
C SER A 99 -3.16 14.09 -10.56
N LEU A 100 -4.10 13.22 -10.87
CA LEU A 100 -5.49 13.53 -11.10
C LEU A 100 -6.29 12.41 -10.49
N ASP A 101 -7.57 12.66 -10.25
CA ASP A 101 -8.37 11.71 -9.48
C ASP A 101 -8.63 10.42 -10.24
N GLY A 102 -8.48 10.44 -11.58
CA GLY A 102 -8.75 9.28 -12.41
C GLY A 102 -7.64 8.24 -12.47
N GLN A 103 -6.56 8.45 -11.74
N GLN A 103 -6.60 8.43 -11.67
CA GLN A 103 -5.50 7.45 -11.66
CA GLN A 103 -5.50 7.47 -11.65
C GLN A 103 -4.82 7.59 -10.30
C GLN A 103 -4.83 7.59 -10.29
N GLY A 104 -4.02 6.58 -9.94
CA GLY A 104 -3.30 6.61 -8.70
C GLY A 104 -3.21 5.26 -8.01
N SER A 105 -4.23 4.40 -8.15
CA SER A 105 -4.15 3.08 -7.56
C SER A 105 -3.20 2.20 -8.37
N GLU A 106 -2.73 1.16 -7.69
CA GLU A 106 -1.85 0.15 -8.30
C GLU A 106 -2.71 -1.00 -8.78
N HIS A 107 -3.40 -1.69 -7.86
CA HIS A 107 -4.44 -2.61 -8.31
C HIS A 107 -5.54 -1.82 -8.99
N THR A 108 -6.20 -2.49 -9.93
CA THR A 108 -7.38 -2.00 -10.60
C THR A 108 -8.46 -3.06 -10.48
N VAL A 109 -9.71 -2.63 -10.69
CA VAL A 109 -10.88 -3.50 -10.49
C VAL A 109 -11.65 -3.43 -11.80
N ASP A 110 -11.59 -4.49 -12.59
CA ASP A 110 -12.20 -4.44 -13.93
C ASP A 110 -11.66 -3.24 -14.71
N LYS A 111 -10.36 -2.98 -14.57
CA LYS A 111 -9.63 -1.89 -15.21
C LYS A 111 -9.94 -0.51 -14.58
N LYS A 112 -10.80 -0.42 -13.60
CA LYS A 112 -11.01 0.85 -12.91
C LYS A 112 -9.78 1.18 -12.07
N LYS A 113 -9.29 2.40 -12.26
CA LYS A 113 -8.27 2.98 -11.42
C LYS A 113 -8.93 3.87 -10.38
N TYR A 114 -8.54 3.68 -9.12
CA TYR A 114 -8.92 4.56 -8.04
C TYR A 114 -7.92 5.72 -7.93
N ALA A 115 -8.31 6.72 -7.16
CA ALA A 115 -7.47 7.92 -7.00
C ALA A 115 -6.20 7.63 -6.20
N ALA A 116 -6.20 6.59 -5.37
CA ALA A 116 -5.04 6.28 -4.59
C ALA A 116 -5.25 4.89 -4.01
N GLU A 117 -4.19 4.37 -3.38
CA GLU A 117 -4.23 3.05 -2.75
C GLU A 117 -3.31 3.09 -1.54
N LEU A 118 -3.83 2.61 -0.40
CA LEU A 118 -3.14 2.48 0.87
C LEU A 118 -2.66 1.04 1.01
N HIS A 119 -1.40 0.88 1.41
CA HIS A 119 -0.81 -0.41 1.70
C HIS A 119 -0.36 -0.45 3.14
N LEU A 120 -0.91 -1.37 3.93
CA LEU A 120 -0.49 -1.67 5.28
C LEU A 120 0.32 -2.95 5.22
N VAL A 121 1.62 -2.83 5.52
CA VAL A 121 2.61 -3.87 5.30
C VAL A 121 2.91 -4.61 6.61
N HIS A 122 2.80 -5.94 6.57
CA HIS A 122 2.99 -6.77 7.73
C HIS A 122 3.93 -7.92 7.42
N TRP A 123 4.78 -8.31 8.38
CA TRP A 123 5.70 -9.42 8.18
C TRP A 123 5.33 -10.60 9.06
N ASN A 124 5.56 -11.80 8.50
CA ASN A 124 5.24 -13.06 9.15
C ASN A 124 6.18 -13.27 10.33
N THR A 125 5.60 -13.39 11.52
CA THR A 125 6.41 -13.46 12.73
C THR A 125 7.25 -14.73 12.80
N LYS A 126 6.94 -15.74 11.98
CA LYS A 126 7.71 -16.95 12.00
C LYS A 126 9.10 -16.72 11.42
N TYR A 127 9.35 -15.57 10.74
CA TYR A 127 10.66 -15.30 10.18
C TYR A 127 11.43 -14.26 11.00
N GLY A 128 10.85 -13.75 12.10
CA GLY A 128 11.62 -13.03 13.09
C GLY A 128 11.85 -11.55 12.82
N ASP A 129 12.07 -11.14 11.58
CA ASP A 129 12.18 -9.73 11.23
C ASP A 129 11.74 -9.53 9.79
N PHE A 130 11.58 -8.26 9.43
CA PHE A 130 11.15 -7.91 8.08
C PHE A 130 12.16 -8.37 7.03
N GLY A 131 13.45 -8.12 7.28
CA GLY A 131 14.45 -8.43 6.28
C GLY A 131 14.55 -9.92 5.93
N LYS A 132 14.35 -10.78 6.91
CA LYS A 132 14.28 -12.21 6.67
C LYS A 132 12.97 -12.58 5.99
N ALA A 133 11.87 -11.95 6.42
CA ALA A 133 10.57 -12.26 5.84
C ALA A 133 10.51 -12.02 4.35
N VAL A 134 11.14 -10.94 3.84
CA VAL A 134 11.00 -10.64 2.42
C VAL A 134 11.72 -11.65 1.54
N GLN A 135 12.51 -12.54 2.12
CA GLN A 135 13.19 -13.59 1.40
C GLN A 135 12.35 -14.85 1.29
N GLN A 136 11.12 -14.80 1.76
CA GLN A 136 10.24 -15.97 1.82
C GLN A 136 8.98 -15.73 1.01
N PRO A 137 8.44 -16.76 0.31
CA PRO A 137 7.23 -16.53 -0.46
C PRO A 137 6.02 -16.14 0.35
N ASP A 138 6.01 -16.55 1.63
CA ASP A 138 4.91 -16.20 2.53
C ASP A 138 5.41 -15.26 3.62
N GLY A 139 6.33 -14.36 3.28
CA GLY A 139 6.91 -13.52 4.29
C GLY A 139 6.10 -12.31 4.66
N LEU A 140 5.34 -11.75 3.74
CA LEU A 140 4.60 -10.51 3.98
C LEU A 140 3.13 -10.72 3.72
N ALA A 141 2.30 -9.90 4.38
CA ALA A 141 0.88 -9.77 4.07
C ALA A 141 0.65 -8.29 3.93
N VAL A 142 0.16 -7.86 2.77
CA VAL A 142 -0.12 -6.45 2.54
C VAL A 142 -1.62 -6.32 2.38
N LEU A 143 -2.20 -5.45 3.21
CA LEU A 143 -3.59 -5.08 3.15
C LEU A 143 -3.69 -3.83 2.30
N GLY A 144 -4.37 -3.97 1.16
CA GLY A 144 -4.51 -2.87 0.21
C GLY A 144 -5.93 -2.34 0.26
N ILE A 145 -6.05 -1.01 0.29
CA ILE A 145 -7.32 -0.33 0.44
C ILE A 145 -7.36 0.79 -0.58
N PHE A 146 -8.40 0.80 -1.40
CA PHE A 146 -8.57 1.85 -2.41
C PHE A 146 -9.09 3.12 -1.79
N LEU A 147 -8.70 4.25 -2.39
CA LEU A 147 -9.19 5.57 -2.02
C LEU A 147 -9.91 6.17 -3.22
N LYS A 148 -11.10 6.69 -2.98
CA LYS A 148 -11.82 7.52 -3.92
C LYS A 148 -11.96 8.93 -3.34
N VAL A 149 -12.15 9.91 -4.20
CA VAL A 149 -12.33 11.28 -3.74
C VAL A 149 -13.80 11.59 -3.57
N GLY A 150 -14.14 12.03 -2.39
CA GLY A 150 -15.51 12.45 -2.08
C GLY A 150 -15.51 13.08 -0.70
N SER A 151 -16.18 12.45 0.26
N SER A 151 -16.19 12.47 0.27
CA SER A 151 -16.15 12.88 1.65
CA SER A 151 -16.17 12.98 1.63
C SER A 151 -14.74 12.77 2.23
C SER A 151 -14.81 12.74 2.28
N ALA A 152 -14.41 13.64 3.19
CA ALA A 152 -13.16 13.52 3.90
C ALA A 152 -13.16 12.28 4.79
N LYS A 153 -11.95 11.76 5.01
CA LYS A 153 -11.72 10.70 5.98
C LYS A 153 -11.10 11.34 7.22
N PRO A 154 -11.91 11.51 8.28
CA PRO A 154 -11.41 12.20 9.46
C PRO A 154 -10.14 11.55 10.01
N GLY A 155 -10.09 10.22 9.91
CA GLY A 155 -8.99 9.43 10.44
C GLY A 155 -7.67 9.62 9.68
N LEU A 156 -7.76 10.21 8.50
CA LEU A 156 -6.58 10.51 7.72
C LEU A 156 -5.98 11.87 8.05
N GLN A 157 -6.76 12.75 8.68
CA GLN A 157 -6.40 14.16 8.72
C GLN A 157 -5.06 14.31 9.46
N LYS A 158 -4.77 13.56 10.52
CA LYS A 158 -3.48 13.66 11.21
C LYS A 158 -2.25 13.42 10.28
N VAL A 159 -2.37 12.52 9.33
CA VAL A 159 -1.34 12.29 8.32
C VAL A 159 -1.21 13.48 7.39
N VAL A 160 -2.35 13.96 6.89
CA VAL A 160 -2.38 15.12 6.02
C VAL A 160 -1.67 16.31 6.66
N ASP A 161 -1.91 16.53 7.96
N ASP A 161 -1.96 16.56 7.96
CA ASP A 161 -1.44 17.75 8.57
CA ASP A 161 -1.39 17.68 8.68
C ASP A 161 0.06 17.71 8.94
C ASP A 161 0.14 17.72 8.67
N VAL A 162 0.76 16.56 8.82
CA VAL A 162 2.19 16.46 9.07
C VAL A 162 2.99 16.55 7.75
N LEU A 163 2.34 16.45 6.59
CA LEU A 163 3.06 16.35 5.34
C LEU A 163 3.90 17.59 5.01
N ASP A 164 3.45 18.75 5.46
CA ASP A 164 4.20 19.99 5.24
C ASP A 164 5.59 19.93 5.86
N SER A 165 5.77 19.11 6.89
CA SER A 165 7.07 18.99 7.56
C SER A 165 8.00 17.95 6.94
N ILE A 166 7.50 17.18 5.96
CA ILE A 166 8.30 16.17 5.29
C ILE A 166 8.20 16.36 3.78
N LYS A 167 8.34 17.60 3.29
CA LYS A 167 7.99 17.86 1.90
C LYS A 167 8.92 17.10 0.96
N THR A 168 10.20 17.01 1.33
CA THR A 168 11.25 16.54 0.41
C THR A 168 11.91 15.26 0.90
N LYS A 169 12.53 14.58 -0.07
CA LYS A 169 13.19 13.30 0.15
C LYS A 169 14.20 13.38 1.28
N GLY A 170 14.09 12.44 2.20
CA GLY A 170 15.02 12.32 3.31
C GLY A 170 14.54 13.00 4.58
N LYS A 171 13.46 13.81 4.49
CA LYS A 171 12.89 14.39 5.68
C LYS A 171 11.97 13.42 6.45
N SER A 172 12.13 13.41 7.76
CA SER A 172 11.32 12.61 8.66
C SER A 172 10.83 13.48 9.82
N ALA A 173 9.78 12.99 10.49
CA ALA A 173 9.20 13.62 11.68
C ALA A 173 8.62 12.60 12.64
N ASP A 174 8.66 12.97 13.95
CA ASP A 174 8.00 12.19 14.97
C ASP A 174 6.53 12.08 14.65
N PHE A 175 5.98 10.86 14.81
CA PHE A 175 4.61 10.65 14.41
C PHE A 175 4.02 9.54 15.25
N THR A 176 3.71 9.92 16.48
CA THR A 176 3.32 8.93 17.47
C THR A 176 1.80 8.92 17.60
N ASN A 177 1.32 7.80 18.09
CA ASN A 177 -0.08 7.66 18.47
C ASN A 177 -1.07 7.72 17.31
N PHE A 178 -0.64 7.48 16.09
CA PHE A 178 -1.57 7.46 14.99
C PHE A 178 -2.26 6.11 14.97
N ASP A 179 -3.58 6.14 14.86
CA ASP A 179 -4.40 4.94 14.88
C ASP A 179 -4.76 4.51 13.47
N PRO A 180 -4.19 3.45 12.94
CA PRO A 180 -4.53 3.03 11.57
C PRO A 180 -5.96 2.53 11.43
N ARG A 181 -6.68 2.24 12.53
CA ARG A 181 -8.07 1.81 12.39
C ARG A 181 -8.91 2.90 11.73
N GLY A 182 -8.46 4.17 11.81
CA GLY A 182 -9.16 5.26 11.22
C GLY A 182 -9.06 5.33 9.70
N LEU A 183 -8.31 4.38 9.10
CA LEU A 183 -8.14 4.31 7.66
C LEU A 183 -8.90 3.15 7.00
N LEU A 184 -9.64 2.39 7.78
CA LEU A 184 -10.28 1.19 7.28
C LEU A 184 -11.71 1.49 6.85
N PRO A 185 -12.20 0.82 5.81
CA PRO A 185 -13.59 0.93 5.43
C PRO A 185 -14.43 0.07 6.37
N GLU A 186 -15.72 0.12 6.15
CA GLU A 186 -16.61 -0.66 6.99
C GLU A 186 -16.43 -2.17 6.81
N SER A 187 -16.42 -2.63 5.57
CA SER A 187 -16.36 -4.05 5.26
C SER A 187 -14.90 -4.51 5.17
N LEU A 188 -14.65 -5.73 5.65
CA LEU A 188 -13.36 -6.40 5.45
C LEU A 188 -13.44 -7.46 4.36
N ASP A 189 -14.48 -7.45 3.49
CA ASP A 189 -14.49 -8.34 2.34
C ASP A 189 -13.31 -8.05 1.42
N TYR A 190 -12.72 -9.13 0.89
CA TYR A 190 -11.45 -8.96 0.19
C TYR A 190 -11.29 -9.93 -0.97
N TRP A 191 -10.35 -9.56 -1.83
CA TRP A 191 -9.72 -10.44 -2.79
C TRP A 191 -8.30 -10.76 -2.35
N THR A 192 -7.82 -11.95 -2.70
CA THR A 192 -6.46 -12.32 -2.33
C THR A 192 -5.78 -13.06 -3.47
N TYR A 193 -4.46 -12.89 -3.56
CA TYR A 193 -3.64 -13.59 -4.52
C TYR A 193 -2.19 -13.45 -4.07
N PRO A 194 -1.28 -14.31 -4.57
CA PRO A 194 0.14 -14.24 -4.25
C PRO A 194 0.84 -13.29 -5.19
N GLY A 195 1.67 -12.40 -4.65
CA GLY A 195 2.38 -11.48 -5.51
C GLY A 195 3.62 -10.91 -4.83
N SER A 196 3.87 -9.64 -5.15
CA SER A 196 5.17 -9.04 -4.90
C SER A 196 5.05 -7.68 -4.24
N LEU A 197 6.20 -7.20 -3.76
CA LEU A 197 6.35 -5.79 -3.50
C LEU A 197 6.10 -5.05 -4.83
N THR A 198 5.54 -3.85 -4.77
CA THR A 198 5.27 -3.07 -5.98
C THR A 198 6.33 -2.02 -6.23
N THR A 199 7.34 -1.95 -5.34
CA THR A 199 8.51 -1.12 -5.55
C THR A 199 9.72 -2.01 -5.49
N PRO A 200 10.82 -1.60 -6.17
CA PRO A 200 12.10 -2.29 -5.99
C PRO A 200 12.35 -2.54 -4.52
N PRO A 201 12.78 -3.75 -4.11
CA PRO A 201 13.30 -4.82 -4.97
C PRO A 201 12.29 -5.76 -5.62
N LEU A 202 10.98 -5.51 -5.50
CA LEU A 202 9.97 -6.25 -6.26
C LEU A 202 9.93 -7.73 -5.86
N LEU A 203 10.31 -8.05 -4.63
CA LEU A 203 10.41 -9.43 -4.21
C LEU A 203 9.05 -10.08 -4.13
N GLU A 204 9.03 -11.38 -4.52
CA GLU A 204 7.80 -12.16 -4.61
C GLU A 204 7.55 -12.86 -3.29
N CYS A 205 7.14 -12.06 -2.32
CA CYS A 205 7.04 -12.46 -0.92
C CYS A 205 5.74 -12.06 -0.26
N VAL A 206 4.74 -11.65 -1.06
CA VAL A 206 3.54 -11.04 -0.52
C VAL A 206 2.28 -11.88 -0.76
N THR A 207 1.52 -12.11 0.32
CA THR A 207 0.10 -12.48 0.20
C THR A 207 -0.68 -11.17 0.19
N TRP A 208 -1.25 -10.82 -0.97
CA TRP A 208 -2.05 -9.62 -1.10
C TRP A 208 -3.46 -9.85 -0.61
N ILE A 209 -3.95 -8.88 0.14
CA ILE A 209 -5.33 -8.88 0.63
C ILE A 209 -5.88 -7.50 0.26
N VAL A 210 -6.69 -7.43 -0.78
CA VAL A 210 -7.20 -6.16 -1.29
C VAL A 210 -8.67 -6.04 -0.94
N LEU A 211 -9.02 -5.01 -0.17
CA LEU A 211 -10.38 -4.84 0.28
C LEU A 211 -11.25 -4.39 -0.89
N LYS A 212 -12.47 -4.93 -0.93
CA LYS A 212 -13.40 -4.53 -1.97
C LYS A 212 -13.95 -3.12 -1.79
N GLU A 213 -14.16 -2.70 -0.55
N GLU A 213 -14.16 -2.70 -0.55
CA GLU A 213 -14.78 -1.42 -0.30
CA GLU A 213 -14.78 -1.41 -0.26
C GLU A 213 -13.70 -0.35 -0.21
C GLU A 213 -13.70 -0.34 -0.20
N PRO A 214 -13.78 0.73 -1.01
CA PRO A 214 -12.85 1.82 -0.86
C PRO A 214 -13.17 2.72 0.31
N ILE A 215 -12.19 3.47 0.77
CA ILE A 215 -12.47 4.61 1.63
C ILE A 215 -12.59 5.86 0.78
N SER A 216 -13.28 6.86 1.31
CA SER A 216 -13.41 8.17 0.69
CA SER A 216 -13.42 8.17 0.70
CA SER A 216 -13.34 8.15 0.64
C SER A 216 -12.48 9.16 1.40
N VAL A 217 -11.76 9.96 0.65
CA VAL A 217 -10.98 11.07 1.18
C VAL A 217 -11.43 12.28 0.40
N SER A 218 -11.16 13.47 0.95
CA SER A 218 -11.60 14.66 0.25
C SER A 218 -10.58 15.15 -0.76
N SER A 219 -11.04 15.96 -1.71
N SER A 219 -11.06 15.94 -1.70
CA SER A 219 -10.15 16.58 -2.67
CA SER A 219 -10.16 16.55 -2.66
C SER A 219 -9.05 17.38 -1.96
C SER A 219 -9.05 17.31 -1.93
N GLU A 220 -9.39 18.05 -0.87
CA GLU A 220 -8.43 18.82 -0.12
C GLU A 220 -7.36 17.90 0.48
N GLN A 221 -7.76 16.69 0.93
CA GLN A 221 -6.81 15.75 1.53
C GLN A 221 -5.84 15.29 0.44
N VAL A 222 -6.33 14.88 -0.74
CA VAL A 222 -5.48 14.39 -1.80
CA VAL A 222 -5.43 14.34 -1.76
C VAL A 222 -4.57 15.49 -2.34
N LEU A 223 -5.09 16.69 -2.43
CA LEU A 223 -4.28 17.82 -2.89
C LEU A 223 -3.04 18.02 -2.02
N LYS A 224 -3.15 17.78 -0.71
CA LYS A 224 -1.99 17.89 0.19
C LYS A 224 -0.95 16.79 -0.07
N PHE A 225 -1.37 15.59 -0.44
CA PHE A 225 -0.45 14.56 -0.90
C PHE A 225 0.33 15.03 -2.13
N ARG A 226 -0.39 15.67 -3.04
CA ARG A 226 0.19 16.07 -4.30
C ARG A 226 1.15 17.26 -4.19
N LYS A 227 1.29 17.87 -3.01
CA LYS A 227 2.25 18.94 -2.76
C LYS A 227 3.58 18.40 -2.26
N LEU A 228 3.67 17.11 -1.89
CA LEU A 228 4.94 16.50 -1.58
C LEU A 228 5.86 16.54 -2.80
N ASN A 229 7.14 16.34 -2.54
CA ASN A 229 8.18 16.33 -3.56
C ASN A 229 8.95 15.01 -3.57
N PHE A 230 9.25 14.53 -4.77
CA PHE A 230 10.19 13.44 -4.97
C PHE A 230 11.63 13.83 -4.67
N ASN A 231 11.97 15.07 -5.02
CA ASN A 231 13.32 15.59 -4.92
C ASN A 231 13.70 15.89 -3.46
N GLY A 232 15.02 15.96 -3.23
CA GLY A 232 15.54 16.49 -1.99
C GLY A 232 15.50 18.03 -1.94
N GLU A 233 15.54 18.56 -0.70
CA GLU A 233 15.70 19.99 -0.41
C GLU A 233 16.89 20.52 -1.21
N GLY A 234 16.67 21.63 -1.93
CA GLY A 234 17.73 22.23 -2.72
C GLY A 234 17.98 21.55 -4.07
N GLU A 235 16.98 20.80 -4.58
CA GLU A 235 17.01 20.23 -5.92
C GLU A 235 15.77 20.69 -6.69
N PRO A 236 15.78 20.67 -8.04
CA PRO A 236 14.62 21.14 -8.80
C PRO A 236 13.34 20.45 -8.41
N GLU A 237 12.27 21.21 -8.33
CA GLU A 237 11.06 20.71 -7.73
C GLU A 237 10.34 19.75 -8.69
N GLU A 238 10.06 18.54 -8.20
N GLU A 238 10.07 18.53 -8.21
CA GLU A 238 9.26 17.58 -8.92
CA GLU A 238 9.27 17.57 -8.94
C GLU A 238 8.20 17.04 -7.98
C GLU A 238 8.20 17.04 -7.98
N LEU A 239 6.93 17.37 -8.25
CA LEU A 239 5.88 16.95 -7.36
C LEU A 239 5.80 15.42 -7.28
N MET A 240 5.55 14.95 -6.06
CA MET A 240 5.33 13.53 -5.77
C MET A 240 3.89 13.19 -6.15
N VAL A 241 3.74 12.78 -7.40
CA VAL A 241 2.48 12.34 -7.95
C VAL A 241 2.76 11.17 -8.90
N ASP A 242 1.75 10.36 -9.15
CA ASP A 242 1.84 9.22 -10.03
C ASP A 242 2.92 8.23 -9.60
N ASN A 243 2.99 7.98 -8.30
CA ASN A 243 3.91 7.03 -7.71
C ASN A 243 3.32 5.63 -7.60
N TRP A 244 2.70 5.20 -8.69
CA TRP A 244 2.06 3.91 -8.81
C TRP A 244 2.67 3.10 -9.94
N ARG A 245 2.80 1.80 -9.70
CA ARG A 245 3.19 0.84 -10.71
C ARG A 245 1.92 0.34 -11.39
N PRO A 246 1.88 0.24 -12.72
CA PRO A 246 0.71 -0.30 -13.40
C PRO A 246 0.56 -1.81 -13.20
N ALA A 247 -0.64 -2.29 -13.53
CA ALA A 247 -0.96 -3.71 -13.44
C ALA A 247 -0.01 -4.54 -14.30
N GLN A 248 0.40 -5.68 -13.73
CA GLN A 248 1.32 -6.64 -14.31
C GLN A 248 0.56 -7.90 -14.67
N PRO A 249 1.17 -8.76 -15.54
CA PRO A 249 0.47 -9.96 -15.97
C PRO A 249 0.17 -10.92 -14.83
N LEU A 250 -1.05 -11.47 -14.81
CA LEU A 250 -1.48 -12.38 -13.78
C LEU A 250 -0.76 -13.72 -13.88
N LYS A 251 -0.45 -14.17 -15.09
CA LYS A 251 0.27 -15.42 -15.28
C LYS A 251 -0.46 -16.56 -14.57
N ASN A 252 0.26 -17.44 -13.91
CA ASN A 252 -0.32 -18.64 -13.42
C ASN A 252 -0.78 -18.45 -11.99
N ARG A 253 -1.73 -17.49 -11.80
CA ARG A 253 -2.32 -17.17 -10.53
C ARG A 253 -3.83 -17.04 -10.64
N GLN A 254 -4.53 -17.27 -9.55
CA GLN A 254 -5.93 -17.05 -9.41
C GLN A 254 -6.16 -16.01 -8.33
N ILE A 255 -7.11 -15.15 -8.59
CA ILE A 255 -7.58 -14.22 -7.57
C ILE A 255 -8.83 -14.82 -6.92
N LYS A 256 -8.84 -14.89 -5.60
CA LYS A 256 -9.87 -15.55 -4.84
C LYS A 256 -10.61 -14.52 -4.01
N ALA A 257 -11.92 -14.62 -3.98
CA ALA A 257 -12.81 -13.71 -3.27
C ALA A 257 -13.24 -14.33 -1.95
N SER A 258 -13.29 -13.51 -0.91
CA SER A 258 -13.73 -13.92 0.40
C SER A 258 -15.24 -13.89 0.58
N PHE A 259 -15.94 -13.38 -0.43
CA PHE A 259 -17.35 -13.05 -0.38
C PHE A 259 -18.04 -13.54 -1.64
N LYS A 260 -19.33 -13.79 -1.52
CA LYS A 260 -20.17 -14.27 -2.62
C LYS A 260 -20.68 -13.09 -3.49
ZN ZN B . 2.74 0.14 -1.79
C CO2 C . 3.67 -3.37 -0.81
O1 CO2 C . 3.26 -2.60 -0.09
O2 CO2 C . 4.07 -4.08 -1.60
C CO2 D . -3.84 9.89 -1.01
O1 CO2 D . -4.61 10.76 -0.82
O2 CO2 D . -3.11 8.99 -1.16
#